data_6MKH
#
_entry.id   6MKH
#
_cell.length_a   123.842
_cell.length_b   85.401
_cell.length_c   84.572
_cell.angle_alpha   90.00
_cell.angle_beta   110.30
_cell.angle_gamma   90.00
#
_symmetry.space_group_name_H-M   'C 1 2 1'
#
loop_
_entity.id
_entity.type
_entity.pdbx_description
1 polymer 'pencillin binding protein 4 (PBP4)'
2 non-polymer '(5R)-5-[(1S,2R)-1-formyl-2-hydroxypropyl]-3-[(2-{[(E)-iminomethyl]amino}ethyl)sulfanyl]-4,5-dihydro-1H-pyrrole-2-carbox ylic acid'
3 non-polymer 'PHOSPHATE ION'
4 water water
#
_entity_poly.entity_id   1
_entity_poly.type   'polypeptide(L)'
_entity_poly.pdbx_seq_one_letter_code
;GHMSQWQAKQELAEAKKTATTFLNVLSKQEFDKLPSVVQEASLKKNGYDTKSVVEKYQAIYSGIQAEGVKASDVQVKKAK
DNQYTFTYKLSMSTPLGEMKDLSYQSSIAKKGDTYQIAWKPSLIFPDMSGNDKISIQVDNAKRGEIVDRNGSGLAINKVF
DEVGVVPGKLGSGAEKTANIKAFSDKFGVSVDEINQKLSQGWVQADSFVPITVASEPVTELPTGAATKDTESRYYPLGEA
AAQLIGYTGTITAEDIEKNPELSSTGVIGKTGLERAFDKELRGQDGGSLVILDDKENVKKALQTKEKKDGQTIKLTIDSG
VQQQAFAIFDKRPGSAVITDPQKGDLLATVSSPSYDPNKMANGISQKEYDAYNNNKDLPFTARFATGYAPGSTFKTITGA
IGLDAGTLKPDEELEINGLKWQKDKSWGGYFATRVKEASPVNLRTALVNSDNIYFAQQTLRMGEDKFRAGLNKFIFGEEL
DLPIAMTPAQISNEDKFNSEILLADTGYGQGQLLISPIQQATMYSVFQNNGTLVYPKLVLDKETKKKDNVISANAANTIA
TDLLGSVEDPSGYVYNMYNPNFSLAAKTGTAEIKDKQDTDGKENSFLLTLDRSNNKFLTMIMVENSGENGSATDISKPLI
DYLEATIK
;
_entity_poly.pdbx_strand_id   A
#
loop_
_chem_comp.id
_chem_comp.type
_chem_comp.name
_chem_comp.formula
IM2 non-polymer '(5R)-5-[(1S,2R)-1-formyl-2-hydroxypropyl]-3-[(2-{[(E)-iminomethyl]amino}ethyl)sulfanyl]-4,5-dihydro-1H-pyrrole-2-carbox ylic acid' 'C12 H19 N3 O4 S'
PO4 non-polymer 'PHOSPHATE ION' 'O4 P -3'
#
# COMPACT_ATOMS: atom_id res chain seq x y z
N ASN A 140 36.31 -12.11 0.46
CA ASN A 140 35.28 -11.10 0.62
C ASN A 140 34.48 -10.92 -0.68
N ALA A 141 33.28 -11.51 -0.70
CA ALA A 141 32.40 -11.45 -1.87
C ALA A 141 31.55 -10.19 -1.84
N LYS A 142 31.14 -9.75 -3.03
CA LYS A 142 30.32 -8.56 -3.18
C LYS A 142 28.84 -8.90 -3.00
N ARG A 143 28.13 -8.06 -2.25
CA ARG A 143 26.71 -8.29 -2.00
C ARG A 143 25.91 -8.10 -3.29
N GLY A 144 24.95 -8.98 -3.50
CA GLY A 144 24.11 -8.88 -4.68
C GLY A 144 23.31 -7.59 -4.71
N GLU A 145 22.81 -7.27 -5.89
CA GLU A 145 22.07 -6.03 -6.08
C GLU A 145 20.58 -6.31 -6.23
N ILE A 146 19.77 -5.46 -5.60
CA ILE A 146 18.34 -5.41 -5.85
C ILE A 146 18.09 -4.31 -6.86
N VAL A 147 17.54 -4.68 -8.02
CA VAL A 147 17.28 -3.74 -9.09
C VAL A 147 15.78 -3.74 -9.40
N ASP A 148 15.33 -2.67 -10.04
CA ASP A 148 13.93 -2.48 -10.37
C ASP A 148 13.61 -3.21 -11.69
N ARG A 149 12.40 -3.02 -12.21
CA ARG A 149 11.96 -3.77 -13.39
C ARG A 149 12.75 -3.43 -14.65
N ASN A 150 13.46 -2.28 -14.66
CA ASN A 150 14.27 -1.88 -15.80
C ASN A 150 15.76 -2.01 -15.53
N GLY A 151 16.15 -2.59 -14.39
CA GLY A 151 17.54 -2.73 -14.03
C GLY A 151 18.12 -1.56 -13.26
N SER A 152 17.38 -0.48 -13.08
CA SER A 152 17.87 0.64 -12.28
C SER A 152 18.08 0.20 -10.83
N GLY A 153 19.08 0.78 -10.19
CA GLY A 153 19.51 0.29 -8.89
C GLY A 153 18.57 0.69 -7.77
N LEU A 154 18.27 -0.26 -6.89
CA LEU A 154 17.52 -0.04 -5.67
C LEU A 154 18.34 -0.30 -4.42
N ALA A 155 19.13 -1.37 -4.41
CA ALA A 155 20.12 -1.64 -3.37
C ALA A 155 21.38 -2.09 -4.08
N ILE A 156 22.36 -1.19 -4.20
CA ILE A 156 23.59 -1.50 -4.92
C ILE A 156 24.80 -1.16 -4.06
N ASN A 157 25.99 -1.24 -4.65
CA ASN A 157 27.24 -0.97 -3.97
C ASN A 157 27.97 0.16 -4.68
N LYS A 158 28.60 1.05 -3.89
CA LYS A 158 29.30 2.19 -4.46
C LYS A 158 30.51 2.52 -3.60
N VAL A 159 31.65 2.77 -4.26
CA VAL A 159 32.87 3.12 -3.53
C VAL A 159 32.81 4.58 -3.14
N PHE A 160 33.08 4.86 -1.87
CA PHE A 160 33.18 6.21 -1.34
C PHE A 160 34.55 6.43 -0.73
N ASP A 161 34.90 7.69 -0.55
CA ASP A 161 36.14 8.11 0.11
C ASP A 161 35.74 8.66 1.47
N GLU A 162 35.79 7.81 2.49
CA GLU A 162 35.34 8.17 3.83
C GLU A 162 36.37 8.99 4.59
N GLY A 164 37.27 9.37 8.32
CA GLY A 164 37.19 8.70 9.60
C GLY A 164 38.38 8.90 10.51
N VAL A 165 38.59 7.94 11.41
CA VAL A 165 39.68 7.99 12.39
C VAL A 165 40.32 6.62 12.51
N VAL A 166 41.54 6.60 13.05
CA VAL A 166 42.29 5.37 13.24
C VAL A 166 43.14 5.44 14.51
N ALA A 178 39.59 15.62 22.91
CA ALA A 178 39.88 16.84 22.18
C ALA A 178 40.06 16.57 20.69
N ASN A 179 40.74 15.47 20.37
CA ASN A 179 40.93 15.11 18.96
C ASN A 179 39.63 14.62 18.33
N ILE A 180 38.81 13.90 19.10
CA ILE A 180 37.49 13.51 18.60
C ILE A 180 36.61 14.74 18.42
N LYS A 181 36.73 15.71 19.32
CA LYS A 181 35.98 16.96 19.18
C LYS A 181 36.51 17.81 18.03
N ALA A 182 37.82 17.76 17.78
CA ALA A 182 38.39 18.50 16.65
C ALA A 182 37.95 17.89 15.32
N PHE A 183 37.84 16.57 15.27
CA PHE A 183 37.32 15.92 14.06
C PHE A 183 35.84 16.23 13.88
N SER A 184 35.08 16.30 14.98
CA SER A 184 33.65 16.56 14.90
C SER A 184 33.33 18.00 14.57
N ASP A 185 34.26 18.92 14.81
CA ASP A 185 34.05 20.33 14.53
C ASP A 185 34.63 20.76 13.18
N LYS A 186 34.83 19.81 12.26
CA LYS A 186 35.34 20.13 10.93
C LYS A 186 34.62 19.41 9.80
N PHE A 187 34.07 18.22 10.03
CA PHE A 187 33.39 17.47 8.98
C PHE A 187 31.91 17.32 9.29
N PHE A 208 41.00 1.11 10.45
CA PHE A 208 40.37 2.35 10.02
C PHE A 208 38.86 2.28 10.17
N VAL A 209 38.28 3.29 10.81
CA VAL A 209 36.85 3.34 11.07
C VAL A 209 36.27 4.50 10.25
N PRO A 210 35.47 4.23 9.23
CA PRO A 210 34.83 5.32 8.49
C PRO A 210 33.80 6.06 9.35
N ILE A 211 33.64 7.35 9.06
CA ILE A 211 32.69 8.19 9.79
C ILE A 211 31.76 8.89 8.81
N THR A 212 32.31 9.81 8.01
CA THR A 212 31.54 10.57 7.04
C THR A 212 32.26 10.56 5.69
N VAL A 213 31.51 10.91 4.64
CA VAL A 213 32.07 10.98 3.29
C VAL A 213 32.77 12.30 3.10
N ALA A 214 33.93 12.26 2.45
CA ALA A 214 34.74 13.45 2.18
C ALA A 214 34.11 14.31 1.10
N GLU A 220 45.60 19.10 5.95
CA GLU A 220 44.33 19.74 6.28
C GLU A 220 43.39 18.78 7.00
N LEU A 221 43.95 17.97 7.90
CA LEU A 221 43.20 16.97 8.65
C LEU A 221 43.60 17.04 10.12
N PRO A 222 42.66 16.77 11.03
CA PRO A 222 42.99 16.76 12.46
C PRO A 222 43.90 15.58 12.81
N THR A 223 44.47 15.66 14.02
CA THR A 223 45.37 14.62 14.51
C THR A 223 44.57 13.36 14.81
N GLY A 224 44.77 12.33 13.99
CA GLY A 224 44.07 11.07 14.13
C GLY A 224 43.10 10.76 13.00
N ALA A 225 42.89 11.68 12.07
CA ALA A 225 41.98 11.45 10.95
C ALA A 225 42.73 10.88 9.75
N ALA A 226 41.97 10.26 8.86
CA ALA A 226 42.52 9.67 7.64
C ALA A 226 41.39 9.46 6.64
N THR A 227 41.76 9.03 5.44
CA THR A 227 40.83 8.74 4.36
C THR A 227 41.15 7.40 3.74
N LYS A 228 40.10 6.71 3.27
CA LYS A 228 40.27 5.42 2.60
C LYS A 228 39.08 5.18 1.68
N ASP A 229 39.30 4.33 0.68
CA ASP A 229 38.26 3.98 -0.29
C ASP A 229 37.52 2.73 0.19
N THR A 230 36.38 2.95 0.83
CA THR A 230 35.55 1.86 1.33
C THR A 230 34.30 1.73 0.46
N GLU A 231 33.90 0.49 0.19
CA GLU A 231 32.67 0.23 -0.53
C GLU A 231 31.51 0.21 0.46
N SER A 232 30.44 0.93 0.14
CA SER A 232 29.29 1.06 1.01
C SER A 232 28.01 0.64 0.28
N ARG A 233 27.03 0.19 1.06
CA ARG A 233 25.71 -0.13 0.53
C ARG A 233 24.97 1.17 0.23
N TYR A 234 24.46 1.30 -0.99
CA TYR A 234 23.84 2.53 -1.43
C TYR A 234 22.44 2.27 -1.97
N TYR A 235 21.52 3.18 -1.66
CA TYR A 235 20.14 3.09 -2.12
C TYR A 235 19.80 4.33 -2.93
N PRO A 236 19.70 4.24 -4.26
CA PRO A 236 19.45 5.44 -5.05
C PRO A 236 18.12 6.13 -4.75
N LEU A 237 17.04 5.37 -4.57
CA LEU A 237 15.75 6.01 -4.34
C LEU A 237 15.60 6.52 -2.90
N GLY A 238 16.54 6.23 -2.02
CA GLY A 238 16.52 6.82 -0.69
C GLY A 238 15.27 6.47 0.09
N GLU A 239 14.72 7.48 0.76
CA GLU A 239 13.56 7.27 1.61
C GLU A 239 12.31 6.89 0.81
N ALA A 240 12.30 7.18 -0.49
CA ALA A 240 11.16 6.82 -1.34
C ALA A 240 10.83 5.34 -1.29
N ALA A 241 11.82 4.48 -0.99
CA ALA A 241 11.58 3.04 -0.98
C ALA A 241 12.18 2.39 0.27
N ALA A 242 12.35 3.16 1.35
CA ALA A 242 13.11 2.68 2.49
C ALA A 242 12.44 1.48 3.15
N GLN A 243 11.13 1.55 3.42
CA GLN A 243 10.48 0.44 4.11
C GLN A 243 10.46 -0.83 3.28
N LEU A 244 10.33 -0.70 1.96
CA LEU A 244 10.36 -1.87 1.08
C LEU A 244 11.75 -2.47 1.01
N ILE A 245 12.75 -1.65 0.67
CA ILE A 245 14.10 -2.16 0.45
C ILE A 245 14.77 -2.46 1.79
N GLY A 246 14.60 -1.59 2.78
CA GLY A 246 15.28 -1.77 4.05
C GLY A 246 16.72 -1.31 4.00
N TYR A 247 17.49 -1.71 5.03
CA TYR A 247 18.90 -1.36 5.14
C TYR A 247 19.69 -2.56 5.66
N THR A 248 21.01 -2.41 5.68
CA THR A 248 21.90 -3.43 6.21
C THR A 248 22.70 -2.88 7.40
N GLY A 249 23.40 -3.79 8.06
CA GLY A 249 24.21 -3.42 9.21
C GLY A 249 25.29 -4.44 9.44
N THR A 250 26.14 -4.16 10.42
CA THR A 250 27.18 -5.11 10.82
C THR A 250 26.54 -6.33 11.48
N ILE A 251 27.17 -7.48 11.27
CA ILE A 251 26.69 -8.75 11.83
C ILE A 251 26.86 -8.70 13.34
N THR A 252 25.75 -8.64 14.07
CA THR A 252 25.81 -8.55 15.53
C THR A 252 26.26 -9.88 16.13
N ALA A 253 26.55 -9.84 17.43
CA ALA A 253 26.89 -11.07 18.14
C ALA A 253 25.70 -12.03 18.18
N GLU A 254 24.48 -11.50 18.23
CA GLU A 254 23.30 -12.36 18.22
C GLU A 254 22.95 -12.86 16.82
N ASP A 255 23.46 -12.21 15.78
CA ASP A 255 23.17 -12.63 14.41
C ASP A 255 23.99 -13.84 14.00
N ILE A 256 25.29 -13.82 14.30
CA ILE A 256 26.15 -14.94 13.92
C ILE A 256 25.78 -16.19 14.71
N GLU A 257 25.33 -16.02 15.95
CA GLU A 257 24.90 -17.14 16.78
C GLU A 257 23.43 -17.47 16.53
N LYS A 258 23.12 -17.72 15.26
CA LYS A 258 21.76 -18.06 14.85
C LYS A 258 21.79 -18.81 13.52
N ASN A 259 22.91 -18.72 12.80
CA ASN A 259 23.08 -19.43 11.54
C ASN A 259 24.54 -19.80 11.34
N PRO A 260 25.04 -19.78 10.10
CA PRO A 260 26.45 -20.12 9.89
C PRO A 260 27.13 -19.20 8.88
N GLU A 261 28.46 -19.26 8.81
CA GLU A 261 29.25 -18.46 7.88
C GLU A 261 28.99 -16.97 8.05
N LEU A 262 29.66 -16.33 9.01
CA LEU A 262 29.46 -14.92 9.29
C LEU A 262 30.80 -14.28 9.62
N SER A 263 31.12 -13.19 8.93
CA SER A 263 32.35 -12.44 9.15
C SER A 263 32.13 -11.38 10.23
N SER A 264 33.21 -11.05 10.94
CA SER A 264 33.12 -10.04 11.98
C SER A 264 32.79 -8.67 11.40
N THR A 265 33.42 -8.30 10.28
CA THR A 265 33.13 -7.05 9.59
C THR A 265 32.18 -7.25 8.41
N GLY A 266 31.31 -8.25 8.49
CA GLY A 266 30.37 -8.53 7.42
C GLY A 266 29.18 -7.59 7.42
N VAL A 267 28.28 -7.82 6.46
CA VAL A 267 27.10 -6.98 6.26
C VAL A 267 25.88 -7.89 6.10
N ILE A 268 24.86 -7.66 6.93
CA ILE A 268 23.64 -8.46 6.94
C ILE A 268 22.43 -7.53 6.87
N GLY A 269 21.40 -7.97 6.16
CA GLY A 269 20.18 -7.19 6.06
C GLY A 269 19.40 -7.20 7.36
N LYS A 270 19.05 -6.01 7.85
CA LYS A 270 18.35 -5.85 9.12
C LYS A 270 16.83 -5.72 8.97
N THR A 271 16.34 -5.35 7.79
CA THR A 271 14.91 -5.17 7.55
C THR A 271 14.67 -5.17 6.05
N GLY A 272 13.39 -5.11 5.67
CA GLY A 272 12.99 -5.02 4.28
C GLY A 272 13.50 -6.18 3.44
N LEU A 273 13.48 -5.98 2.13
CA LEU A 273 13.98 -7.00 1.21
C LEU A 273 15.46 -7.31 1.42
N GLU A 274 16.22 -6.40 2.04
CA GLU A 274 17.60 -6.70 2.36
C GLU A 274 17.71 -7.84 3.35
N ARG A 275 16.70 -8.01 4.21
CA ARG A 275 16.66 -9.15 5.11
C ARG A 275 15.99 -10.36 4.46
N ALA A 276 14.79 -10.16 3.88
CA ALA A 276 14.03 -11.26 3.32
C ALA A 276 14.79 -12.00 2.23
N PHE A 277 15.66 -11.31 1.50
CA PHE A 277 16.47 -11.91 0.45
C PHE A 277 17.94 -12.03 0.84
N ASP A 278 18.25 -11.92 2.14
CA ASP A 278 19.65 -11.86 2.54
C ASP A 278 20.44 -13.08 2.11
N LYS A 279 19.81 -14.27 2.15
CA LYS A 279 20.50 -15.50 1.79
C LYS A 279 21.00 -15.45 0.34
N GLU A 280 20.15 -14.95 -0.57
CA GLU A 280 20.51 -14.86 -1.98
C GLU A 280 21.50 -13.74 -2.25
N LEU A 281 21.49 -12.69 -1.43
CA LEU A 281 22.24 -11.49 -1.74
C LEU A 281 23.68 -11.52 -1.21
N ARG A 282 23.95 -12.33 -0.19
CA ARG A 282 25.26 -12.26 0.46
C ARG A 282 26.27 -13.23 -0.12
N GLY A 283 25.82 -14.35 -0.68
CA GLY A 283 26.75 -15.29 -1.27
C GLY A 283 27.58 -16.00 -0.21
N GLN A 284 28.87 -16.17 -0.50
CA GLN A 284 29.80 -16.85 0.40
C GLN A 284 31.19 -16.27 0.20
N ASP A 285 31.79 -15.80 1.28
CA ASP A 285 33.11 -15.16 1.22
C ASP A 285 34.24 -16.18 1.32
N LYS A 307 34.60 -18.70 -3.63
CA LYS A 307 33.88 -17.49 -3.20
C LYS A 307 33.04 -16.94 -4.35
N LYS A 308 31.72 -17.07 -4.21
CA LYS A 308 30.78 -16.63 -5.23
C LYS A 308 30.07 -15.36 -4.78
N ASP A 309 29.96 -14.40 -5.69
CA ASP A 309 29.29 -13.15 -5.37
C ASP A 309 27.79 -13.36 -5.24
N GLY A 310 27.14 -12.44 -4.53
CA GLY A 310 25.70 -12.50 -4.37
C GLY A 310 24.98 -12.28 -5.68
N GLN A 311 23.83 -12.93 -5.81
CA GLN A 311 23.04 -12.85 -7.03
C GLN A 311 22.22 -11.57 -7.05
N THR A 312 21.88 -11.13 -8.25
CA THR A 312 21.10 -9.92 -8.41
C THR A 312 19.62 -10.28 -8.52
N ILE A 313 18.79 -9.57 -7.76
CA ILE A 313 17.36 -9.81 -7.71
C ILE A 313 16.67 -8.62 -8.37
N LYS A 314 15.90 -8.91 -9.42
CA LYS A 314 15.20 -7.90 -10.19
C LYS A 314 13.73 -7.88 -9.77
N LEU A 315 13.24 -6.69 -9.42
CA LEU A 315 11.90 -6.53 -8.88
C LEU A 315 10.93 -6.04 -9.95
N THR A 316 9.68 -5.89 -9.55
CA THR A 316 8.63 -5.33 -10.39
C THR A 316 8.50 -3.82 -10.21
N ILE A 317 9.11 -3.27 -9.16
CA ILE A 317 9.05 -1.83 -8.88
C ILE A 317 9.51 -1.02 -10.07
N ASP A 318 8.73 0.00 -10.41
CA ASP A 318 9.14 1.04 -11.36
C ASP A 318 9.65 2.22 -10.54
N SER A 319 10.96 2.52 -10.67
CA SER A 319 11.56 3.60 -9.88
C SER A 319 10.84 4.92 -10.12
N GLY A 320 10.49 5.21 -11.37
CA GLY A 320 9.79 6.46 -11.66
C GLY A 320 8.45 6.56 -10.94
N VAL A 321 7.69 5.47 -10.94
CA VAL A 321 6.42 5.43 -10.25
C VAL A 321 6.63 5.50 -8.74
N GLN A 322 7.60 4.74 -8.23
CA GLN A 322 7.87 4.74 -6.80
C GLN A 322 8.16 6.15 -6.29
N GLN A 323 8.97 6.91 -7.03
CA GLN A 323 9.35 8.25 -6.57
C GLN A 323 8.17 9.20 -6.65
N GLN A 324 7.43 9.17 -7.76
CA GLN A 324 6.23 10.00 -7.85
C GLN A 324 5.23 9.68 -6.75
N ALA A 325 4.96 8.39 -6.52
CA ALA A 325 3.97 7.99 -5.52
C ALA A 325 4.40 8.37 -4.10
N PHE A 326 5.71 8.45 -3.85
CA PHE A 326 6.17 8.93 -2.55
C PHE A 326 6.13 10.45 -2.45
N ALA A 327 6.29 11.16 -3.57
CA ALA A 327 6.43 12.61 -3.51
C ALA A 327 5.11 13.32 -3.21
N ILE A 328 3.97 12.67 -3.44
CA ILE A 328 2.69 13.32 -3.24
C ILE A 328 2.33 13.46 -1.76
N PHE A 329 2.99 12.71 -0.89
CA PHE A 329 2.60 12.68 0.52
C PHE A 329 3.15 13.86 1.30
N ASP A 330 4.42 14.19 1.09
CA ASP A 330 5.07 15.34 1.71
C ASP A 330 4.97 15.28 3.24
N LYS A 331 5.54 14.22 3.80
CA LYS A 331 5.57 13.90 5.23
C LYS A 331 4.22 13.48 5.79
N ARG A 332 3.14 13.55 5.02
CA ARG A 332 1.85 13.09 5.52
C ARG A 332 1.91 11.58 5.80
N PRO A 333 1.30 11.12 6.88
CA PRO A 333 1.23 9.67 7.13
C PRO A 333 0.26 9.02 6.15
N GLY A 334 0.71 7.96 5.50
CA GLY A 334 -0.11 7.29 4.52
C GLY A 334 0.68 6.22 3.78
N SER A 335 0.07 5.71 2.72
CA SER A 335 0.69 4.69 1.90
C SER A 335 0.10 4.77 0.49
N ALA A 336 0.80 4.14 -0.46
CA ALA A 336 0.32 4.05 -1.83
C ALA A 336 0.81 2.73 -2.42
N VAL A 337 -0.10 2.01 -3.05
CA VAL A 337 0.19 0.72 -3.68
C VAL A 337 -0.26 0.81 -5.12
N ILE A 338 0.70 0.80 -6.06
CA ILE A 338 0.40 0.81 -7.49
C ILE A 338 0.79 -0.55 -8.05
N THR A 339 -0.06 -1.10 -8.91
CA THR A 339 0.11 -2.45 -9.42
C THR A 339 -0.26 -2.51 -10.89
N ASP A 340 0.23 -3.55 -11.56
CA ASP A 340 -0.32 -3.96 -12.84
C ASP A 340 -1.45 -4.96 -12.56
N PRO A 341 -2.71 -4.55 -12.70
CA PRO A 341 -3.81 -5.41 -12.22
C PRO A 341 -3.92 -6.74 -12.91
N GLN A 342 -3.49 -6.85 -14.18
CA GLN A 342 -3.69 -8.09 -14.93
C GLN A 342 -2.52 -9.06 -14.78
N LYS A 343 -1.38 -8.62 -14.25
CA LYS A 343 -0.22 -9.46 -14.03
C LYS A 343 0.21 -9.53 -12.58
N GLY A 344 -0.21 -8.60 -11.73
CA GLY A 344 0.15 -8.62 -10.33
C GLY A 344 1.38 -7.83 -9.96
N ASP A 345 2.12 -7.33 -10.97
CA ASP A 345 3.33 -6.54 -10.74
C ASP A 345 3.10 -5.41 -9.76
N LEU A 346 3.92 -5.37 -8.71
CA LEU A 346 3.92 -4.25 -7.77
C LEU A 346 4.81 -3.16 -8.35
N LEU A 347 4.19 -2.19 -9.02
CA LEU A 347 4.93 -1.09 -9.62
C LEU A 347 5.43 -0.09 -8.59
N ALA A 348 4.80 -0.04 -7.42
CA ALA A 348 5.27 0.81 -6.33
C ALA A 348 4.60 0.38 -5.04
N THR A 349 5.35 0.47 -3.95
CA THR A 349 4.84 0.21 -2.61
C THR A 349 5.50 1.27 -1.73
N VAL A 350 4.70 2.26 -1.32
CA VAL A 350 5.19 3.45 -0.65
C VAL A 350 4.54 3.54 0.72
N SER A 351 5.34 3.91 1.72
CA SER A 351 4.85 4.23 3.05
C SER A 351 5.39 5.59 3.44
N SER A 352 4.54 6.41 4.06
CA SER A 352 4.94 7.74 4.48
C SER A 352 4.49 7.99 5.91
N PRO A 353 5.29 8.70 6.73
CA PRO A 353 6.62 9.24 6.41
C PRO A 353 7.68 8.14 6.33
N SER A 354 8.91 8.51 5.98
CA SER A 354 9.96 7.52 5.80
C SER A 354 11.24 7.95 6.52
N TYR A 355 12.35 7.30 6.20
CA TYR A 355 13.63 7.57 6.84
C TYR A 355 14.73 7.41 5.81
N ASP A 356 15.91 7.94 6.13
CA ASP A 356 17.05 7.83 5.23
C ASP A 356 17.67 6.43 5.40
N PRO A 357 17.60 5.56 4.38
CA PRO A 357 18.18 4.22 4.54
C PRO A 357 19.68 4.21 4.42
N ASN A 358 20.24 5.22 3.75
CA ASN A 358 21.69 5.28 3.59
C ASN A 358 22.38 5.58 4.91
N LYS A 359 21.78 6.44 5.73
CA LYS A 359 22.35 6.73 7.04
C LYS A 359 22.19 5.55 8.00
N MET A 360 21.02 4.91 7.99
CA MET A 360 20.80 3.78 8.88
C MET A 360 21.74 2.62 8.59
N ALA A 361 22.21 2.50 7.35
CA ALA A 361 23.10 1.41 6.97
C ALA A 361 24.58 1.75 7.12
N ASN A 362 24.95 3.02 6.93
CA ASN A 362 26.35 3.42 6.89
C ASN A 362 26.79 4.28 8.06
N GLY A 363 25.90 5.07 8.64
CA GLY A 363 26.25 5.92 9.76
C GLY A 363 25.22 6.98 10.07
N ILE A 364 24.44 6.77 11.12
CA ILE A 364 23.44 7.71 11.58
C ILE A 364 23.71 8.05 13.03
N SER A 365 23.56 9.33 13.38
CA SER A 365 23.83 9.76 14.74
C SER A 365 22.72 9.33 15.69
N GLN A 366 23.01 9.40 16.99
CA GLN A 366 22.00 9.06 17.99
C GLN A 366 20.87 10.06 18.02
N LYS A 367 21.14 11.31 17.62
CA LYS A 367 20.10 12.33 17.60
C LYS A 367 19.15 12.11 16.41
N GLU A 368 19.69 11.73 15.26
CA GLU A 368 18.84 11.48 14.10
C GLU A 368 18.04 10.18 14.27
N TYR A 369 18.61 9.18 14.94
CA TYR A 369 17.88 7.94 15.17
C TYR A 369 16.77 8.15 16.20
N ASP A 370 17.05 8.89 17.28
CA ASP A 370 16.01 9.18 18.26
C ASP A 370 14.91 10.04 17.66
N ALA A 371 15.27 10.93 16.73
CA ALA A 371 14.25 11.71 16.04
C ALA A 371 13.36 10.82 15.19
N TYR A 372 13.94 9.79 14.56
CA TYR A 372 13.14 8.82 13.81
C TYR A 372 12.26 8.00 14.74
N ASN A 373 12.76 7.68 15.94
CA ASN A 373 11.98 6.88 16.87
C ASN A 373 10.94 7.71 17.61
N ASN A 374 11.22 8.98 17.88
CA ASN A 374 10.29 9.84 18.59
C ASN A 374 9.23 10.46 17.68
N ASN A 375 9.14 10.02 16.43
CA ASN A 375 8.12 10.51 15.52
C ASN A 375 6.81 9.78 15.81
N LYS A 376 5.75 10.54 16.08
CA LYS A 376 4.46 9.92 16.36
C LYS A 376 3.90 9.21 15.12
N ASP A 377 4.30 9.63 13.93
CA ASP A 377 3.87 8.99 12.69
C ASP A 377 4.62 7.70 12.38
N LEU A 378 5.71 7.42 13.10
CA LEU A 378 6.46 6.16 12.99
C LEU A 378 6.89 5.90 11.55
N PRO A 379 8.00 6.52 11.10
CA PRO A 379 8.44 6.32 9.72
C PRO A 379 8.99 4.92 9.45
N PHE A 380 9.33 4.15 10.47
CA PHE A 380 9.88 2.83 10.24
C PHE A 380 8.83 1.81 9.81
N THR A 381 7.55 2.07 10.08
CA THR A 381 6.53 1.08 9.76
C THR A 381 6.28 1.02 8.26
N ALA A 382 5.87 -0.15 7.79
CA ALA A 382 5.57 -0.41 6.38
C ALA A 382 4.05 -0.40 6.26
N ARG A 383 3.50 0.80 6.07
CA ARG A 383 2.05 0.96 6.13
C ARG A 383 1.34 0.17 5.04
N PHE A 384 1.98 -0.03 3.89
CA PHE A 384 1.38 -0.83 2.83
C PHE A 384 1.14 -2.27 3.27
N ALA A 385 1.86 -2.76 4.29
CA ALA A 385 1.66 -4.10 4.82
C ALA A 385 0.82 -4.14 6.09
N THR A 386 0.38 -2.98 6.59
CA THR A 386 -0.40 -2.92 7.81
C THR A 386 -1.89 -2.98 7.49
N GLY A 387 -2.62 -3.79 8.26
CA GLY A 387 -4.05 -3.95 8.04
C GLY A 387 -4.84 -2.77 8.56
N TYR A 388 -5.71 -2.23 7.71
CA TYR A 388 -6.64 -1.17 8.06
C TYR A 388 -8.04 -1.58 7.61
N ALA A 389 -9.04 -0.84 8.09
CA ALA A 389 -10.37 -0.99 7.51
C ALA A 389 -10.37 -0.35 6.13
N PRO A 390 -10.99 -0.99 5.13
CA PRO A 390 -10.92 -0.46 3.76
C PRO A 390 -11.65 0.84 3.58
N GLY A 391 -12.76 1.06 4.28
CA GLY A 391 -13.55 2.25 4.11
C GLY A 391 -14.54 2.14 2.96
N SER A 392 -15.17 3.28 2.68
CA SER A 392 -16.25 3.35 1.68
C SER A 392 -15.87 2.74 0.34
N THR A 393 -14.57 2.68 0.00
CA THR A 393 -14.16 2.03 -1.24
C THR A 393 -14.61 0.58 -1.29
N PHE A 394 -14.72 -0.08 -0.12
CA PHE A 394 -15.13 -1.46 -0.06
C PHE A 394 -16.52 -1.70 -0.61
N LYS A 395 -17.33 -0.64 -0.74
CA LYS A 395 -18.68 -0.80 -1.27
C LYS A 395 -18.68 -1.40 -2.67
N THR A 396 -17.63 -1.13 -3.46
CA THR A 396 -17.51 -1.77 -4.77
C THR A 396 -17.65 -3.29 -4.66
N ILE A 397 -16.97 -3.89 -3.68
CA ILE A 397 -17.00 -5.34 -3.55
C ILE A 397 -18.36 -5.80 -3.03
N THR A 398 -18.92 -5.09 -2.06
CA THR A 398 -20.28 -5.38 -1.57
C THR A 398 -21.31 -5.23 -2.70
N GLY A 399 -21.10 -4.25 -3.58
CA GLY A 399 -21.99 -4.12 -4.73
C GLY A 399 -21.89 -5.33 -5.66
N ALA A 400 -20.66 -5.73 -6.01
CA ALA A 400 -20.48 -6.90 -6.86
C ALA A 400 -21.10 -8.13 -6.23
N ILE A 401 -20.89 -8.34 -4.94
CA ILE A 401 -21.48 -9.49 -4.26
C ILE A 401 -23.00 -9.42 -4.33
N GLY A 402 -23.56 -8.21 -4.25
CA GLY A 402 -25.01 -8.07 -4.38
C GLY A 402 -25.51 -8.38 -5.77
N LEU A 403 -24.80 -7.89 -6.80
CA LEU A 403 -25.17 -8.18 -8.17
C LEU A 403 -25.21 -9.67 -8.45
N ASP A 404 -24.21 -10.41 -7.96
CA ASP A 404 -24.14 -11.84 -8.23
C ASP A 404 -25.16 -12.63 -7.41
N ALA A 405 -25.40 -12.23 -6.17
CA ALA A 405 -26.39 -12.88 -5.32
C ALA A 405 -27.80 -12.68 -5.84
N GLY A 406 -28.01 -11.76 -6.78
CA GLY A 406 -29.32 -11.53 -7.37
C GLY A 406 -30.23 -10.63 -6.57
N THR A 407 -29.86 -10.27 -5.34
CA THR A 407 -30.67 -9.41 -4.50
C THR A 407 -30.53 -7.94 -4.83
N LEU A 408 -29.45 -7.57 -5.53
CA LEU A 408 -29.17 -6.18 -5.89
C LEU A 408 -29.41 -6.02 -7.39
N LYS A 409 -30.40 -5.18 -7.75
CA LYS A 409 -30.68 -4.86 -9.14
C LYS A 409 -30.02 -3.55 -9.49
N PRO A 410 -29.18 -3.50 -10.54
CA PRO A 410 -28.48 -2.24 -10.84
C PRO A 410 -29.39 -1.12 -11.29
N ASP A 411 -30.63 -1.42 -11.70
CA ASP A 411 -31.56 -0.40 -12.16
C ASP A 411 -32.70 -0.14 -11.18
N GLU A 412 -32.78 -0.89 -10.09
CA GLU A 412 -33.83 -0.68 -9.10
C GLU A 412 -33.66 0.67 -8.43
N GLU A 413 -34.75 1.42 -8.29
CA GLU A 413 -34.74 2.77 -7.74
C GLU A 413 -35.23 2.70 -6.30
N LEU A 414 -34.29 2.64 -5.36
CA LEU A 414 -34.63 2.60 -3.95
C LEU A 414 -35.01 3.97 -3.44
N GLU A 415 -36.09 4.05 -2.67
CA GLU A 415 -36.51 5.27 -2.01
C GLU A 415 -35.73 5.44 -0.72
N ILE A 416 -34.92 6.49 -0.65
CA ILE A 416 -34.12 6.81 0.53
C ILE A 416 -34.35 8.26 0.89
N ASN A 417 -34.76 8.50 2.13
CA ASN A 417 -35.03 9.85 2.60
C ASN A 417 -34.26 10.11 3.90
N GLY A 418 -33.60 11.26 3.97
CA GLY A 418 -32.86 11.66 5.15
C GLY A 418 -31.37 11.47 4.97
N LEU A 419 -30.63 11.88 6.00
CA LEU A 419 -29.19 11.72 6.06
C LEU A 419 -28.75 10.58 6.98
N LYS A 420 -29.70 9.86 7.56
CA LYS A 420 -29.38 8.76 8.47
C LYS A 420 -30.54 7.78 8.49
N TRP A 421 -30.20 6.50 8.67
CA TRP A 421 -31.20 5.45 8.59
C TRP A 421 -30.78 4.26 9.44
N GLN A 422 -31.77 3.63 10.05
CA GLN A 422 -31.57 2.41 10.82
C GLN A 422 -32.71 1.45 10.50
N LYS A 423 -32.48 0.16 10.77
CA LYS A 423 -33.50 -0.83 10.46
C LYS A 423 -34.74 -0.63 11.32
N ASP A 424 -34.56 -0.42 12.62
CA ASP A 424 -35.65 -0.10 13.54
C ASP A 424 -35.04 0.39 14.85
N LYS A 425 -35.85 0.41 15.91
CA LYS A 425 -35.40 0.94 17.20
C LYS A 425 -34.29 0.09 17.80
N SER A 426 -34.20 -1.20 17.44
CA SER A 426 -33.22 -2.07 18.07
C SER A 426 -31.78 -1.65 17.76
N TRP A 427 -31.56 -0.82 16.74
CA TRP A 427 -30.21 -0.36 16.42
C TRP A 427 -29.70 0.70 17.39
N GLY A 428 -30.56 1.23 18.25
CA GLY A 428 -30.10 2.23 19.21
C GLY A 428 -29.67 3.52 18.52
N GLY A 429 -28.53 4.05 18.93
CA GLY A 429 -28.02 5.28 18.36
C GLY A 429 -27.21 5.14 17.09
N TYR A 430 -27.02 3.91 16.61
CA TYR A 430 -26.25 3.70 15.38
C TYR A 430 -27.14 3.90 14.16
N PHE A 431 -26.67 4.73 13.24
CA PHE A 431 -27.35 4.98 11.97
C PHE A 431 -26.35 4.82 10.84
N ALA A 432 -26.84 4.37 9.69
CA ALA A 432 -26.12 4.48 8.44
C ALA A 432 -26.36 5.87 7.87
N THR A 433 -25.29 6.62 7.63
CA THR A 433 -25.37 8.03 7.26
C THR A 433 -24.81 8.25 5.86
N ARG A 434 -25.41 9.18 5.14
CA ARG A 434 -24.91 9.65 3.86
C ARG A 434 -24.71 11.16 3.91
N VAL A 435 -23.90 11.67 2.98
CA VAL A 435 -23.55 13.09 3.04
C VAL A 435 -24.53 13.96 2.25
N LYS A 436 -25.06 13.47 1.12
CA LYS A 436 -26.01 14.24 0.34
C LYS A 436 -27.36 13.52 0.27
N GLU A 437 -28.42 14.32 0.15
CA GLU A 437 -29.78 13.82 0.03
C GLU A 437 -30.13 13.63 -1.45
N ALA A 438 -30.44 12.39 -1.82
CA ALA A 438 -30.89 12.08 -3.17
C ALA A 438 -31.89 10.94 -3.12
N SER A 439 -32.89 10.99 -4.01
CA SER A 439 -33.85 9.90 -4.15
C SER A 439 -34.60 10.01 -5.47
N PRO A 440 -34.88 8.88 -6.15
CA PRO A 440 -34.50 7.53 -5.75
C PRO A 440 -33.04 7.21 -6.13
N VAL A 441 -32.45 6.20 -5.50
CA VAL A 441 -31.04 5.87 -5.66
C VAL A 441 -30.92 4.47 -6.26
N ASN A 442 -30.18 4.36 -7.37
CA ASN A 442 -29.87 3.07 -7.97
C ASN A 442 -28.39 2.74 -7.69
N LEU A 443 -27.86 1.72 -8.36
CA LEU A 443 -26.49 1.29 -8.05
C LEU A 443 -25.47 2.34 -8.47
N ARG A 444 -25.59 2.86 -9.69
CA ARG A 444 -24.61 3.82 -10.18
C ARG A 444 -24.61 5.09 -9.34
N THR A 445 -25.79 5.62 -9.00
CA THR A 445 -25.79 6.88 -8.26
C THR A 445 -25.31 6.68 -6.82
N ALA A 446 -25.57 5.52 -6.23
CA ALA A 446 -25.07 5.23 -4.89
C ALA A 446 -23.54 5.18 -4.88
N LEU A 447 -22.93 4.62 -5.91
CA LEU A 447 -21.46 4.55 -5.95
C LEU A 447 -20.86 5.94 -6.18
N VAL A 448 -21.54 6.81 -6.92
CA VAL A 448 -21.00 8.15 -7.18
C VAL A 448 -21.21 9.06 -5.97
N ASN A 449 -22.35 8.95 -5.29
CA ASN A 449 -22.69 9.84 -4.20
C ASN A 449 -22.26 9.33 -2.83
N SER A 450 -21.67 8.13 -2.76
CA SER A 450 -21.27 7.51 -1.49
C SER A 450 -22.44 7.45 -0.50
N ASP A 451 -23.39 6.57 -0.82
CA ASP A 451 -24.64 6.45 -0.08
C ASP A 451 -24.58 5.17 0.76
N ASN A 452 -24.25 5.33 2.05
CA ASN A 452 -24.18 4.17 2.93
C ASN A 452 -25.56 3.58 3.22
N ILE A 453 -26.60 4.42 3.17
CA ILE A 453 -27.96 3.91 3.40
C ILE A 453 -28.34 2.90 2.33
N TYR A 454 -27.98 3.20 1.08
CA TYR A 454 -28.27 2.26 0.00
C TYR A 454 -27.54 0.93 0.22
N PHE A 455 -26.25 0.98 0.56
CA PHE A 455 -25.52 -0.27 0.72
C PHE A 455 -25.81 -0.97 2.04
N ALA A 456 -26.18 -0.23 3.09
CA ALA A 456 -26.62 -0.89 4.30
C ALA A 456 -27.91 -1.68 4.04
N GLN A 457 -28.82 -1.11 3.25
CA GLN A 457 -30.06 -1.80 2.94
C GLN A 457 -29.82 -3.01 2.04
N GLN A 458 -28.92 -2.87 1.06
CA GLN A 458 -28.61 -3.99 0.18
C GLN A 458 -27.86 -5.09 0.93
N THR A 459 -27.09 -4.72 1.95
CA THR A 459 -26.38 -5.72 2.74
C THR A 459 -27.34 -6.46 3.66
N LEU A 460 -28.30 -5.75 4.25
CA LEU A 460 -29.34 -6.42 5.04
C LEU A 460 -30.29 -7.20 4.15
N ARG A 461 -30.55 -6.72 2.93
CA ARG A 461 -31.41 -7.46 2.02
C ARG A 461 -30.83 -8.83 1.67
N MET A 462 -29.53 -8.89 1.36
CA MET A 462 -28.94 -10.16 0.99
C MET A 462 -28.73 -11.08 2.19
N GLY A 463 -28.33 -10.52 3.33
CA GLY A 463 -28.16 -11.29 4.53
C GLY A 463 -26.71 -11.72 4.76
N GLU A 464 -26.42 -12.05 6.02
CA GLU A 464 -25.07 -12.41 6.42
C GLU A 464 -24.53 -13.58 5.60
N ASP A 465 -25.36 -14.57 5.29
CA ASP A 465 -24.88 -15.74 4.57
C ASP A 465 -24.51 -15.39 3.14
N LYS A 466 -25.41 -14.74 2.41
CA LYS A 466 -25.10 -14.34 1.04
C LYS A 466 -23.91 -13.38 0.99
N PHE A 467 -23.79 -12.51 2.00
CA PHE A 467 -22.68 -11.56 2.02
C PHE A 467 -21.36 -12.27 2.30
N ARG A 468 -21.36 -13.22 3.24
CA ARG A 468 -20.14 -13.95 3.56
C ARG A 468 -19.78 -14.97 2.49
N ALA A 469 -20.79 -15.54 1.81
CA ALA A 469 -20.50 -16.41 0.68
C ALA A 469 -19.64 -15.70 -0.36
N GLY A 470 -19.99 -14.45 -0.66
CA GLY A 470 -19.24 -13.68 -1.65
C GLY A 470 -17.92 -13.15 -1.15
N LEU A 471 -17.84 -12.83 0.14
CA LEU A 471 -16.58 -12.34 0.71
C LEU A 471 -15.54 -13.46 0.76
N ASN A 472 -15.99 -14.68 1.06
CA ASN A 472 -15.07 -15.79 1.23
C ASN A 472 -14.35 -16.16 -0.06
N LYS A 473 -14.90 -15.78 -1.21
CA LYS A 473 -14.20 -16.03 -2.46
C LYS A 473 -12.98 -15.16 -2.63
N PHE A 474 -12.79 -14.15 -1.79
CA PHE A 474 -11.60 -13.32 -1.84
C PHE A 474 -10.51 -14.00 -1.02
N ILE A 475 -9.46 -13.25 -0.68
CA ILE A 475 -8.27 -13.87 -0.10
C ILE A 475 -8.24 -13.64 1.41
N PHE A 476 -9.42 -13.54 2.01
CA PHE A 476 -9.49 -13.41 3.46
C PHE A 476 -8.87 -14.64 4.11
N GLY A 477 -7.95 -14.41 5.04
CA GLY A 477 -7.28 -15.47 5.76
C GLY A 477 -6.04 -16.03 5.10
N GLU A 478 -5.78 -15.70 3.83
CA GLU A 478 -4.67 -16.27 3.11
C GLU A 478 -3.37 -15.55 3.44
N GLU A 479 -2.32 -16.33 3.73
CA GLU A 479 -0.97 -15.82 3.69
C GLU A 479 -0.50 -15.82 2.24
N LEU A 480 0.10 -14.71 1.82
CA LEU A 480 0.50 -14.56 0.43
C LEU A 480 1.95 -14.98 0.24
N ASP A 481 2.33 -15.14 -1.02
CA ASP A 481 3.68 -15.55 -1.38
C ASP A 481 4.66 -14.39 -1.45
N LEU A 482 4.22 -13.16 -1.19
CA LEU A 482 5.11 -12.02 -1.25
C LEU A 482 6.18 -12.12 -0.17
N PRO A 483 7.39 -11.61 -0.44
CA PRO A 483 8.42 -11.54 0.61
C PRO A 483 8.21 -10.39 1.58
N ILE A 484 6.97 -9.90 1.71
CA ILE A 484 6.61 -8.86 2.67
C ILE A 484 5.72 -9.48 3.74
N ALA A 485 6.08 -9.27 5.01
CA ALA A 485 5.32 -9.85 6.11
C ALA A 485 3.99 -9.11 6.29
N MET A 486 2.89 -9.86 6.24
CA MET A 486 1.56 -9.31 6.42
C MET A 486 0.71 -10.25 7.26
N THR A 487 -0.12 -9.67 8.10
CA THR A 487 -1.21 -10.42 8.71
C THR A 487 -2.32 -10.63 7.68
N PRO A 488 -2.81 -11.85 7.52
CA PRO A 488 -3.93 -12.08 6.59
C PRO A 488 -5.12 -11.17 6.87
N ALA A 489 -5.81 -10.79 5.80
CA ALA A 489 -7.01 -10.00 5.95
C ALA A 489 -8.08 -10.79 6.69
N GLN A 490 -8.96 -10.08 7.39
CA GLN A 490 -10.08 -10.69 8.09
C GLN A 490 -11.36 -9.92 7.80
N ILE A 491 -12.48 -10.63 7.89
CA ILE A 491 -13.80 -10.03 7.73
C ILE A 491 -14.30 -9.46 9.06
N SER A 492 -14.27 -10.27 10.10
CA SER A 492 -14.64 -9.84 11.44
C SER A 492 -13.85 -10.69 12.44
N ASN A 493 -14.01 -10.39 13.73
CA ASN A 493 -13.26 -11.11 14.75
C ASN A 493 -13.78 -12.53 14.93
N GLU A 494 -15.07 -12.75 14.75
CA GLU A 494 -15.69 -14.06 14.89
C GLU A 494 -16.09 -14.60 13.52
N ASP A 495 -16.55 -15.85 13.51
CA ASP A 495 -17.02 -16.46 12.28
C ASP A 495 -18.38 -15.94 11.87
N LYS A 496 -19.10 -15.30 12.78
CA LYS A 496 -20.42 -14.74 12.53
C LYS A 496 -20.48 -13.33 13.07
N PHE A 497 -21.26 -12.48 12.40
CA PHE A 497 -21.34 -11.08 12.80
C PHE A 497 -21.97 -10.94 14.19
N ASN A 498 -23.07 -11.66 14.45
CA ASN A 498 -23.83 -11.56 15.69
C ASN A 498 -24.37 -10.16 15.94
N SER A 499 -24.66 -9.42 14.87
CA SER A 499 -25.05 -8.02 15.00
C SER A 499 -25.44 -7.45 13.65
N GLU A 500 -26.67 -6.99 13.51
CA GLU A 500 -27.05 -6.31 12.28
C GLU A 500 -26.28 -5.02 12.09
N ILE A 501 -25.87 -4.37 13.18
CA ILE A 501 -25.05 -3.17 13.08
C ILE A 501 -23.72 -3.50 12.41
N LEU A 502 -23.09 -4.59 12.86
CA LEU A 502 -21.80 -4.99 12.30
C LEU A 502 -21.93 -5.48 10.87
N LEU A 503 -23.02 -6.18 10.56
CA LEU A 503 -23.27 -6.60 9.18
C LEU A 503 -23.38 -5.40 8.24
N ALA A 504 -24.15 -4.39 8.65
CA ALA A 504 -24.27 -3.19 7.81
C ALA A 504 -22.97 -2.40 7.79
N ASP A 505 -22.34 -2.24 8.97
CA ASP A 505 -21.08 -1.52 9.05
C ASP A 505 -20.02 -2.13 8.14
N THR A 506 -19.93 -3.46 8.13
CA THR A 506 -19.00 -4.16 7.24
C THR A 506 -19.35 -3.96 5.77
N GLY A 507 -20.61 -3.62 5.47
CA GLY A 507 -21.01 -3.44 4.09
C GLY A 507 -20.37 -2.24 3.42
N TYR A 508 -20.03 -1.22 4.20
CA TYR A 508 -19.33 -0.08 3.62
C TYR A 508 -17.95 0.11 4.25
N GLY A 509 -17.20 -0.97 4.39
CA GLY A 509 -15.79 -0.92 4.70
C GLY A 509 -15.43 -0.64 6.15
N GLN A 510 -16.40 -0.67 7.05
CA GLN A 510 -16.11 -0.35 8.45
C GLN A 510 -16.09 -1.62 9.28
N GLY A 511 -16.67 -1.55 10.48
CA GLY A 511 -16.74 -2.73 11.33
C GLY A 511 -15.35 -3.23 11.70
N GLN A 512 -15.20 -4.56 11.66
CA GLN A 512 -13.97 -5.22 12.07
C GLN A 512 -13.13 -5.67 10.89
N LEU A 513 -13.34 -5.08 9.71
CA LEU A 513 -12.50 -5.38 8.57
C LEU A 513 -11.07 -4.90 8.82
N LEU A 514 -10.11 -5.79 8.60
CA LEU A 514 -8.69 -5.43 8.56
C LEU A 514 -8.14 -5.97 7.24
N ILE A 515 -7.76 -5.06 6.34
CA ILE A 515 -7.18 -5.40 5.04
C ILE A 515 -6.01 -4.47 4.78
N SER A 516 -4.84 -5.03 4.43
CA SER A 516 -3.69 -4.18 4.15
C SER A 516 -3.81 -3.57 2.74
N PRO A 517 -3.14 -2.43 2.51
CA PRO A 517 -3.19 -1.83 1.16
C PRO A 517 -2.81 -2.80 0.05
N ILE A 518 -1.82 -3.66 0.28
CA ILE A 518 -1.45 -4.66 -0.73
C ILE A 518 -2.60 -5.64 -0.93
N GLN A 519 -3.20 -6.10 0.16
CA GLN A 519 -4.36 -7.00 0.06
C GLN A 519 -5.58 -6.29 -0.53
N GLN A 520 -5.73 -4.98 -0.27
CA GLN A 520 -6.82 -4.23 -0.89
C GLN A 520 -6.62 -4.13 -2.40
N ALA A 521 -5.39 -3.84 -2.84
CA ALA A 521 -5.09 -3.81 -4.26
C ALA A 521 -5.38 -5.17 -4.91
N THR A 522 -5.03 -6.26 -4.22
CA THR A 522 -5.28 -7.58 -4.76
C THR A 522 -6.77 -7.86 -4.88
N MET A 523 -7.56 -7.51 -3.86
CA MET A 523 -8.99 -7.73 -3.94
C MET A 523 -9.64 -6.89 -5.04
N TYR A 524 -9.23 -5.64 -5.18
CA TYR A 524 -9.89 -4.77 -6.16
C TYR A 524 -9.50 -5.09 -7.60
N SER A 525 -8.46 -5.91 -7.83
CA SER A 525 -8.07 -6.32 -9.17
C SER A 525 -9.15 -7.08 -9.93
N VAL A 526 -10.21 -7.54 -9.26
CA VAL A 526 -11.23 -8.30 -9.97
C VAL A 526 -11.98 -7.44 -10.97
N PHE A 527 -11.99 -6.11 -10.79
CA PHE A 527 -12.74 -5.23 -11.67
C PHE A 527 -12.03 -5.00 -13.01
N GLN A 528 -10.72 -5.23 -13.08
CA GLN A 528 -9.97 -5.09 -14.32
C GLN A 528 -9.64 -6.42 -14.97
N ASN A 529 -10.12 -7.53 -14.41
CA ASN A 529 -9.84 -8.87 -14.95
C ASN A 529 -11.11 -9.68 -15.16
N ASN A 530 -12.26 -9.01 -15.33
CA ASN A 530 -13.55 -9.67 -15.58
C ASN A 530 -13.93 -10.62 -14.44
N GLY A 531 -13.61 -10.24 -13.21
CA GLY A 531 -13.95 -11.02 -12.04
C GLY A 531 -12.85 -11.90 -11.52
N THR A 532 -11.76 -12.06 -12.26
CA THR A 532 -10.64 -12.86 -11.80
C THR A 532 -9.76 -12.03 -10.88
N LEU A 533 -9.34 -12.63 -9.77
CA LEU A 533 -8.41 -11.98 -8.86
C LEU A 533 -6.98 -12.34 -9.26
N VAL A 534 -6.09 -11.36 -9.17
CA VAL A 534 -4.68 -11.53 -9.53
C VAL A 534 -3.83 -11.24 -8.30
N TYR A 535 -3.09 -12.25 -7.85
CA TYR A 535 -2.22 -12.09 -6.69
C TYR A 535 -1.07 -11.13 -7.01
N PRO A 536 -0.51 -10.48 -6.00
CA PRO A 536 0.61 -9.56 -6.24
C PRO A 536 1.94 -10.30 -6.34
N LYS A 537 2.80 -9.84 -7.24
CA LYS A 537 4.16 -10.33 -7.32
C LYS A 537 5.13 -9.17 -7.13
N LEU A 538 6.27 -9.49 -6.50
CA LEU A 538 7.33 -8.50 -6.29
C LEU A 538 8.58 -8.81 -7.08
N VAL A 539 8.87 -10.09 -7.34
CA VAL A 539 9.99 -10.50 -8.17
C VAL A 539 9.52 -10.59 -9.62
N LEU A 540 10.30 -10.00 -10.54
CA LEU A 540 9.81 -9.78 -11.90
C LEU A 540 9.64 -11.08 -12.68
N ASP A 541 10.44 -12.10 -12.37
CA ASP A 541 10.36 -13.34 -13.13
C ASP A 541 9.44 -14.38 -12.48
N LYS A 542 8.74 -14.02 -11.40
CA LYS A 542 7.78 -14.92 -10.79
C LYS A 542 6.52 -15.02 -11.64
N GLU A 543 6.00 -16.23 -11.78
CA GLU A 543 4.83 -16.47 -12.63
C GLU A 543 3.59 -15.82 -12.04
N THR A 544 2.69 -15.38 -12.93
CA THR A 544 1.48 -14.73 -12.47
C THR A 544 0.51 -15.75 -11.87
N LYS A 545 0.07 -15.47 -10.65
CA LYS A 545 -0.86 -16.34 -9.93
C LYS A 545 -2.22 -15.65 -9.85
N LYS A 546 -3.28 -16.42 -10.08
CA LYS A 546 -4.64 -15.90 -10.17
C LYS A 546 -5.58 -16.74 -9.32
N LYS A 547 -6.77 -16.21 -9.08
CA LYS A 547 -7.88 -16.95 -8.47
C LYS A 547 -9.11 -16.68 -9.32
N ASP A 548 -9.59 -17.72 -10.01
CA ASP A 548 -10.61 -17.51 -11.03
C ASP A 548 -11.97 -17.26 -10.41
N ASN A 549 -12.73 -16.39 -11.07
CA ASN A 549 -14.16 -16.16 -10.80
C ASN A 549 -14.42 -15.87 -9.33
N VAL A 550 -13.76 -14.84 -8.82
CA VAL A 550 -14.10 -14.36 -7.48
C VAL A 550 -15.44 -13.63 -7.51
N ILE A 551 -15.66 -12.82 -8.55
CA ILE A 551 -16.98 -12.30 -8.89
C ILE A 551 -17.22 -12.58 -10.37
N SER A 552 -18.46 -12.38 -10.80
CA SER A 552 -18.80 -12.65 -12.19
C SER A 552 -18.23 -11.56 -13.08
N ALA A 553 -18.11 -11.88 -14.37
CA ALA A 553 -17.64 -10.88 -15.33
C ALA A 553 -18.65 -9.75 -15.50
N ASN A 554 -19.95 -10.06 -15.44
CA ASN A 554 -20.95 -9.02 -15.56
C ASN A 554 -20.90 -8.07 -14.36
N ALA A 555 -20.71 -8.61 -13.15
CA ALA A 555 -20.65 -7.77 -11.97
C ALA A 555 -19.40 -6.90 -11.98
N ALA A 556 -18.26 -7.46 -12.39
CA ALA A 556 -17.02 -6.69 -12.43
C ALA A 556 -17.15 -5.51 -13.38
N ASN A 557 -17.66 -5.76 -14.60
CA ASN A 557 -17.76 -4.70 -15.59
C ASN A 557 -18.86 -3.71 -15.24
N THR A 558 -19.95 -4.17 -14.62
CA THR A 558 -21.00 -3.25 -14.20
C THR A 558 -20.48 -2.24 -13.18
N ILE A 559 -19.75 -2.72 -12.16
CA ILE A 559 -19.17 -1.81 -11.19
C ILE A 559 -18.13 -0.91 -11.84
N ALA A 560 -17.23 -1.51 -12.63
CA ALA A 560 -16.14 -0.74 -13.24
C ALA A 560 -16.68 0.36 -14.14
N THR A 561 -17.78 0.10 -14.84
CA THR A 561 -18.35 1.13 -15.71
C THR A 561 -18.98 2.26 -14.90
N ASP A 562 -19.74 1.93 -13.85
CA ASP A 562 -20.35 2.96 -13.02
C ASP A 562 -19.30 3.80 -12.30
N LEU A 563 -18.11 3.25 -12.07
CA LEU A 563 -17.08 4.00 -11.39
C LEU A 563 -16.43 5.07 -12.28
N LEU A 564 -16.63 5.00 -13.59
CA LEU A 564 -16.18 6.11 -14.43
C LEU A 564 -16.83 7.42 -14.02
N GLY A 565 -18.06 7.36 -13.47
CA GLY A 565 -18.77 8.54 -13.04
C GLY A 565 -18.07 9.32 -11.94
N SER A 566 -17.22 8.66 -11.14
CA SER A 566 -16.50 9.39 -10.10
C SER A 566 -15.50 10.36 -10.70
N VAL A 567 -15.02 10.09 -11.91
CA VAL A 567 -14.03 10.93 -12.57
C VAL A 567 -14.66 11.80 -13.66
N GLU A 568 -15.66 11.27 -14.37
CA GLU A 568 -16.19 11.92 -15.56
C GLU A 568 -17.39 12.83 -15.28
N ASP A 569 -18.16 12.56 -14.22
CA ASP A 569 -19.27 13.44 -13.90
C ASP A 569 -18.76 14.66 -13.15
N PRO A 570 -19.26 15.85 -13.49
CA PRO A 570 -18.79 17.07 -12.79
C PRO A 570 -19.09 17.05 -11.30
N SER A 571 -20.16 16.39 -10.86
CA SER A 571 -20.45 16.30 -9.44
C SER A 571 -19.65 15.20 -8.73
N GLY A 572 -18.92 14.38 -9.47
CA GLY A 572 -18.16 13.30 -8.84
C GLY A 572 -17.02 13.79 -7.99
N TYR A 573 -16.60 12.94 -7.05
CA TYR A 573 -15.56 13.34 -6.09
C TYR A 573 -14.16 13.29 -6.68
N VAL A 574 -13.97 12.68 -7.84
CA VAL A 574 -12.64 12.60 -8.45
C VAL A 574 -12.69 13.33 -9.79
N TYR A 575 -13.53 14.36 -9.89
CA TYR A 575 -13.63 15.10 -11.14
C TYR A 575 -12.41 15.99 -11.37
N ASN A 576 -11.67 16.32 -10.31
CA ASN A 576 -10.45 17.10 -10.46
C ASN A 576 -9.45 16.39 -11.38
N MET A 577 -9.48 15.06 -11.42
CA MET A 577 -8.57 14.28 -12.25
C MET A 577 -9.21 13.86 -13.56
N TYR A 578 -10.30 14.51 -13.97
CA TYR A 578 -10.93 14.17 -15.23
C TYR A 578 -10.00 14.45 -16.39
N ASN A 579 -10.00 13.53 -17.35
CA ASN A 579 -9.18 13.66 -18.56
C ASN A 579 -9.99 13.15 -19.74
N PRO A 580 -10.37 14.01 -20.68
CA PRO A 580 -11.19 13.56 -21.81
C PRO A 580 -10.53 12.51 -22.67
N ASN A 581 -9.20 12.40 -22.65
CA ASN A 581 -8.47 11.47 -23.50
C ASN A 581 -8.12 10.16 -22.80
N PHE A 582 -8.69 9.90 -21.62
CA PHE A 582 -8.31 8.71 -20.87
C PHE A 582 -9.51 8.22 -20.06
N SER A 583 -9.71 6.90 -20.06
CA SER A 583 -10.80 6.25 -19.35
C SER A 583 -10.28 5.84 -17.97
N LEU A 584 -10.77 6.52 -16.92
CA LEU A 584 -10.36 6.24 -15.55
C LEU A 584 -11.59 6.02 -14.69
N ALA A 585 -11.67 4.86 -14.04
CA ALA A 585 -12.66 4.61 -13.02
C ALA A 585 -12.02 4.83 -11.65
N ALA A 586 -12.79 5.33 -10.70
CA ALA A 586 -12.25 5.63 -9.39
C ALA A 586 -13.35 5.51 -8.34
N LYS A 587 -12.93 5.53 -7.08
CA LYS A 587 -13.86 5.44 -5.96
C LYS A 587 -13.14 5.95 -4.72
N THR A 588 -13.61 7.06 -4.17
CA THR A 588 -13.05 7.60 -2.95
C THR A 588 -13.69 6.90 -1.75
N GLY A 589 -13.18 7.21 -0.56
CA GLY A 589 -13.78 6.69 0.65
C GLY A 589 -13.02 7.07 1.91
N THR A 590 -13.72 7.03 3.04
CA THR A 590 -13.11 7.30 4.33
C THR A 590 -13.47 6.15 5.28
N ALA A 591 -12.72 6.05 6.38
CA ALA A 591 -13.02 5.08 7.43
C ALA A 591 -12.81 5.75 8.78
N GLU A 592 -13.85 5.73 9.62
CA GLU A 592 -13.78 6.32 10.94
C GLU A 592 -13.29 5.30 11.95
N ILE A 593 -12.24 5.65 12.70
CA ILE A 593 -11.66 4.79 13.72
C ILE A 593 -12.11 5.31 15.08
N LYS A 594 -12.88 4.50 15.80
CA LYS A 594 -13.38 4.88 17.12
C LYS A 594 -12.41 4.48 18.22
N GLY A 601 -12.09 9.13 17.07
CA GLY A 601 -12.49 10.35 16.39
C GLY A 601 -11.55 10.74 15.26
N LYS A 602 -10.98 9.74 14.59
CA LYS A 602 -10.09 9.96 13.46
C LYS A 602 -10.62 9.26 12.23
N GLU A 603 -10.17 9.72 11.07
CA GLU A 603 -10.57 9.18 9.79
C GLU A 603 -9.34 8.91 8.94
N ASN A 604 -9.44 7.91 8.07
CA ASN A 604 -8.44 7.65 7.06
C ASN A 604 -9.08 7.83 5.70
N SER A 605 -8.34 8.43 4.75
CA SER A 605 -8.85 8.70 3.41
C SER A 605 -8.28 7.69 2.43
N PHE A 606 -9.14 7.17 1.56
CA PHE A 606 -8.75 6.15 0.60
C PHE A 606 -9.14 6.57 -0.81
N LEU A 607 -8.27 6.26 -1.78
CA LEU A 607 -8.57 6.49 -3.18
C LEU A 607 -8.17 5.28 -3.99
N LEU A 608 -9.11 4.75 -4.77
CA LEU A 608 -8.86 3.63 -5.68
C LEU A 608 -9.15 4.09 -7.10
N THR A 609 -8.15 3.99 -7.97
CA THR A 609 -8.32 4.33 -9.37
C THR A 609 -7.98 3.11 -10.22
N LEU A 610 -8.70 2.96 -11.33
CA LEU A 610 -8.49 1.86 -12.26
C LEU A 610 -8.26 2.40 -13.65
N ASP A 611 -7.21 1.93 -14.31
CA ASP A 611 -7.02 2.22 -15.72
C ASP A 611 -8.00 1.38 -16.52
N ARG A 612 -8.95 2.05 -17.17
CA ARG A 612 -9.92 1.37 -18.02
C ARG A 612 -9.67 1.59 -19.50
N SER A 613 -8.60 2.31 -19.85
CA SER A 613 -8.22 2.41 -21.26
C SER A 613 -7.46 1.16 -21.69
N ASN A 614 -6.50 0.71 -20.88
CA ASN A 614 -5.71 -0.46 -21.21
C ASN A 614 -5.56 -1.45 -20.07
N ASN A 615 -6.15 -1.17 -18.90
CA ASN A 615 -6.08 -2.05 -17.73
C ASN A 615 -4.64 -2.38 -17.36
N LYS A 616 -3.79 -1.35 -17.43
CA LYS A 616 -2.36 -1.48 -17.19
C LYS A 616 -1.92 -0.99 -15.82
N PHE A 617 -2.76 -0.28 -15.07
CA PHE A 617 -2.39 0.13 -13.72
C PHE A 617 -3.62 0.16 -12.81
N LEU A 618 -3.33 0.17 -11.52
CA LEU A 618 -4.33 0.27 -10.45
C LEU A 618 -3.65 0.94 -9.28
N THR A 619 -4.35 1.87 -8.64
CA THR A 619 -3.77 2.59 -7.51
C THR A 619 -4.63 2.42 -6.26
N MET A 620 -3.96 2.21 -5.13
CA MET A 620 -4.60 2.18 -3.83
C MET A 620 -3.82 3.15 -2.96
N ILE A 621 -4.40 4.31 -2.68
CA ILE A 621 -3.75 5.38 -1.92
C ILE A 621 -4.50 5.55 -0.61
N MET A 622 -3.75 5.80 0.46
CA MET A 622 -4.33 6.03 1.78
C MET A 622 -3.60 7.18 2.46
N VAL A 623 -4.36 8.04 3.14
CA VAL A 623 -3.82 9.12 3.96
C VAL A 623 -4.39 8.95 5.36
N GLU A 624 -3.52 8.72 6.34
CA GLU A 624 -3.97 8.56 7.72
C GLU A 624 -4.33 9.91 8.33
N ASN A 625 -5.27 9.89 9.27
CA ASN A 625 -5.76 11.08 9.96
C ASN A 625 -6.13 12.17 8.95
N SER A 626 -7.09 11.83 8.09
CA SER A 626 -7.46 12.68 6.97
C SER A 626 -8.16 13.96 7.39
N GLY A 627 -8.63 14.04 8.65
CA GLY A 627 -9.18 15.29 9.13
C GLY A 627 -8.11 16.35 9.32
N GLU A 628 -6.89 15.93 9.62
CA GLU A 628 -5.75 16.83 9.75
C GLU A 628 -4.87 16.88 8.51
N ASN A 629 -4.71 15.75 7.82
CA ASN A 629 -3.77 15.64 6.71
C ASN A 629 -4.43 15.70 5.34
N GLY A 630 -5.75 15.87 5.27
CA GLY A 630 -6.45 15.98 4.01
C GLY A 630 -6.78 14.63 3.40
N SER A 631 -7.55 14.66 2.33
CA SER A 631 -7.97 13.43 1.68
C SER A 631 -6.87 12.92 0.75
N ALA A 632 -7.04 11.66 0.32
CA ALA A 632 -6.14 11.09 -0.65
C ALA A 632 -6.38 11.66 -2.04
N THR A 633 -7.61 12.12 -2.30
CA THR A 633 -7.91 12.70 -3.61
C THR A 633 -7.20 14.04 -3.80
N ASP A 634 -6.91 14.75 -2.72
CA ASP A 634 -6.32 16.09 -2.82
C ASP A 634 -4.84 16.06 -3.22
N ILE A 635 -4.13 14.98 -2.94
CA ILE A 635 -2.70 14.90 -3.24
C ILE A 635 -2.38 13.94 -4.37
N SER A 636 -3.35 13.18 -4.88
CA SER A 636 -3.04 12.06 -5.77
C SER A 636 -3.02 12.43 -7.24
N LYS A 637 -3.47 13.63 -7.61
CA LYS A 637 -3.57 13.97 -9.03
C LYS A 637 -2.24 13.89 -9.77
N PRO A 638 -1.13 14.40 -9.26
CA PRO A 638 0.14 14.22 -9.99
C PRO A 638 0.51 12.76 -10.22
N LEU A 639 0.19 11.87 -9.27
CA LEU A 639 0.44 10.44 -9.48
C LEU A 639 -0.45 9.90 -10.60
N ILE A 640 -1.74 10.24 -10.59
CA ILE A 640 -2.63 9.73 -11.62
C ILE A 640 -2.23 10.27 -13.00
N ASP A 641 -1.86 11.55 -13.07
CA ASP A 641 -1.39 12.11 -14.33
C ASP A 641 -0.11 11.44 -14.81
N TYR A 642 0.83 11.22 -13.88
CA TYR A 642 2.06 10.50 -14.24
C TYR A 642 1.76 9.11 -14.79
N LEU A 643 0.84 8.38 -14.17
CA LEU A 643 0.57 7.01 -14.60
C LEU A 643 -0.18 6.98 -15.93
N GLU A 644 -1.10 7.91 -16.12
CA GLU A 644 -1.82 7.97 -17.40
C GLU A 644 -0.88 8.23 -18.57
N ALA A 645 0.24 8.93 -18.35
CA ALA A 645 1.19 9.18 -19.43
C ALA A 645 2.21 8.05 -19.59
N THR A 646 2.78 7.54 -18.50
CA THR A 646 3.76 6.46 -18.59
C THR A 646 3.09 5.12 -18.89
N ILE A 647 2.41 4.55 -17.87
CA ILE A 647 1.87 3.21 -17.99
C ILE A 647 0.73 3.16 -19.00
N LYS A 648 -0.03 4.24 -19.13
CA LYS A 648 -1.13 4.36 -20.10
C LYS A 648 -2.24 3.33 -19.84
C7 IM2 B . -17.73 5.69 3.65
C2 IM2 B . -17.24 9.92 3.60
C6 IM2 B . -17.75 6.93 4.61
C5 IM2 B . -18.48 7.99 3.98
C3 IM2 B . -17.51 9.28 2.27
O7 IM2 B . -18.68 5.40 3.00
C61 IM2 B . -18.36 6.53 6.01
O62 IM2 B . -17.77 7.27 7.03
C62 IM2 B . -18.12 5.07 6.29
N4 IM2 B . -18.09 8.08 2.46
C31 IM2 B . -16.60 9.57 1.08
O31 IM2 B . -17.09 9.89 -0.05
O32 IM2 B . -15.34 9.52 1.19
S21 IM2 B . -16.68 11.65 3.71
C22 IM2 B . -17.70 12.57 4.89
C23 IM2 B . -16.83 13.55 5.68
N24 IM2 B . -16.00 14.31 4.76
C25 IM2 B . -16.56 15.43 4.04
N26 IM2 B . -15.85 16.09 3.24
C1 IM2 B . -18.05 9.37 4.58
P PO4 C . 4.64 -24.28 -13.67
O1 PO4 C . 4.84 -23.26 -14.77
O2 PO4 C . 5.21 -25.62 -14.11
O3 PO4 C . 3.16 -24.41 -13.39
O4 PO4 C . 5.35 -23.82 -12.42
P PO4 D . -11.96 -5.89 -18.99
O1 PO4 D . -13.15 -5.95 -19.91
O2 PO4 D . -11.51 -4.46 -18.85
O3 PO4 D . -10.83 -6.71 -19.57
O4 PO4 D . -12.33 -6.43 -17.63
#